data_6GTV
#
_entry.id   6GTV
#
_cell.length_a   116.690
_cell.length_b   119.210
_cell.length_c   120.090
_cell.angle_alpha   90.00
_cell.angle_beta   90.00
_cell.angle_gamma   90.00
#
_symmetry.space_group_name_H-M   'C 2 2 2'
#
loop_
_entity.id
_entity.type
_entity.pdbx_description
1 polymer 'FimH protein'
2 polymer 'FimG protein'
3 branched alpha-D-mannopyranose-(1-3)-[alpha-D-mannopyranose-(1-6)]alpha-D-mannopyranose
4 non-polymer DI(HYDROXYETHYL)ETHER
5 non-polymer 'PENTAETHYLENE GLYCOL'
6 water water
#
loop_
_entity_poly.entity_id
_entity_poly.type
_entity_poly.pdbx_seq_one_letter_code
_entity_poly.pdbx_strand_id
1 'polypeptide(L)'
;FACKTANGTAIPIGGGSANVYVNLAPAVNVGQNLVVDLSTQIFCHNDYPETITDYVTLQRGSAYGGVLSSFSGTVKYNGS
SYPFPTTSETPRVVYNSRTDKPWPVALYLTPVSSAGGVAIKAGSLIAVLILRQTNNYNSDDFQFVWNIYANNDVVVPTGG
CDVSARDVTVTLPDYPGSVPIPLTVYCAKSQNLGYYLSGTTADAGNSIFTNTASFSPAQGVGVQLTRNGTIIPANNTVSL
GAVGTSAVSLGLTANYARTGGQVTAGNVQSIIGVTFVYQ
;
A,C
2 'polypeptide(L)' ADVTITVNGKVVAK B,D
#
# COMPACT_ATOMS: atom_id res chain seq x y z
N PHE A 1 11.17 4.88 -0.62
CA PHE A 1 12.26 4.59 0.37
C PHE A 1 11.99 3.28 1.09
N ALA A 2 13.01 2.42 1.12
CA ALA A 2 12.90 1.12 1.76
C ALA A 2 14.27 0.68 2.24
N CYS A 3 14.29 -0.25 3.19
CA CYS A 3 15.52 -0.71 3.81
C CYS A 3 15.56 -2.23 3.88
N LYS A 4 16.77 -2.77 3.95
CA LYS A 4 16.99 -4.21 4.05
C LYS A 4 18.13 -4.48 5.01
N THR A 5 18.24 -5.74 5.43
CA THR A 5 19.26 -6.16 6.38
C THR A 5 20.22 -7.14 5.70
N ALA A 6 21.36 -7.33 6.36
CA ALA A 6 22.31 -8.34 5.90
C ALA A 6 21.87 -9.76 6.21
N ASN A 7 20.90 -9.96 7.10
CA ASN A 7 20.48 -11.31 7.48
C ASN A 7 19.06 -11.64 6.99
N GLY A 8 18.70 -11.10 5.82
CA GLY A 8 17.62 -11.62 4.99
C GLY A 8 16.20 -11.11 5.17
N THR A 9 15.98 -10.03 5.93
CA THR A 9 14.65 -9.41 5.98
C THR A 9 14.73 -7.94 5.59
N ALA A 10 13.56 -7.32 5.43
CA ALA A 10 13.48 -5.95 4.93
C ALA A 10 12.21 -5.28 5.47
N ILE A 11 12.18 -3.96 5.36
CA ILE A 11 11.00 -3.15 5.68
C ILE A 11 10.66 -2.34 4.42
N PRO A 12 9.44 -2.43 3.90
CA PRO A 12 9.11 -1.76 2.64
C PRO A 12 8.71 -0.31 2.83
N ILE A 13 8.32 0.32 1.72
CA ILE A 13 7.77 1.67 1.76
C ILE A 13 6.71 1.76 2.84
N GLY A 14 6.75 2.85 3.62
CA GLY A 14 5.81 3.06 4.70
C GLY A 14 6.32 2.71 6.07
N GLY A 15 7.45 2.01 6.18
CA GLY A 15 8.00 1.69 7.47
C GLY A 15 7.39 0.43 8.06
N GLY A 16 7.54 0.30 9.37
CA GLY A 16 7.25 -0.93 10.08
C GLY A 16 8.39 -1.30 11.00
N SER A 17 8.56 -2.59 11.26
CA SER A 17 9.54 -3.06 12.22
C SER A 17 10.17 -4.34 11.72
N ALA A 18 11.38 -4.64 12.21
CA ALA A 18 12.02 -5.90 11.87
C ALA A 18 12.96 -6.31 12.99
N ASN A 19 13.19 -7.61 13.09
CA ASN A 19 14.14 -8.17 14.05
C ASN A 19 15.43 -8.46 13.29
N VAL A 20 16.53 -7.86 13.75
CA VAL A 20 17.84 -7.98 13.12
C VAL A 20 18.73 -8.82 14.03
N TYR A 21 19.12 -9.98 13.55
CA TYR A 21 20.01 -10.88 14.28
C TYR A 21 21.44 -10.70 13.77
N VAL A 22 22.31 -10.18 14.65
CA VAL A 22 23.66 -9.75 14.29
C VAL A 22 24.69 -10.62 15.00
N ASN A 23 25.72 -11.04 14.27
CA ASN A 23 26.88 -11.71 14.85
C ASN A 23 27.79 -10.68 15.47
N LEU A 24 27.71 -10.52 16.80
CA LEU A 24 28.39 -9.45 17.49
C LEU A 24 29.88 -9.72 17.63
N ALA A 25 30.67 -8.65 17.52
CA ALA A 25 32.12 -8.68 17.76
C ALA A 25 32.48 -7.39 18.49
N PRO A 26 32.06 -7.27 19.75
CA PRO A 26 32.33 -6.04 20.49
C PRO A 26 33.81 -5.89 20.82
N ALA A 27 34.20 -4.65 21.13
CA ALA A 27 35.60 -4.34 21.36
C ALA A 27 35.72 -3.14 22.27
N VAL A 28 36.76 -3.14 23.10
CA VAL A 28 37.06 -1.96 23.92
C VAL A 28 37.71 -0.91 23.04
N ASN A 29 37.35 0.35 23.30
CA ASN A 29 38.00 1.52 22.71
C ASN A 29 38.28 2.48 23.86
N VAL A 30 39.04 3.53 23.56
CA VAL A 30 39.38 4.52 24.57
C VAL A 30 38.10 5.20 25.04
N GLY A 31 37.73 4.97 26.30
CA GLY A 31 36.63 5.66 26.93
C GLY A 31 35.25 5.10 26.62
N GLN A 32 35.13 4.18 25.68
CA GLN A 32 33.84 3.59 25.36
C GLN A 32 34.07 2.30 24.58
N ASN A 33 33.11 1.39 24.68
CA ASN A 33 33.23 0.07 24.09
C ASN A 33 32.20 -0.08 22.96
N LEU A 34 32.67 -0.56 21.82
CA LEU A 34 31.77 -0.86 20.71
C LEU A 34 30.93 -2.08 21.06
N VAL A 35 29.62 -1.91 21.05
CA VAL A 35 28.72 -3.05 21.15
C VAL A 35 28.40 -3.62 19.78
N VAL A 36 27.98 -2.77 18.85
CA VAL A 36 27.61 -3.24 17.51
C VAL A 36 27.65 -2.10 16.50
N ASP A 37 28.23 -2.38 15.34
CA ASP A 37 28.24 -1.48 14.19
C ASP A 37 27.18 -1.96 13.20
N LEU A 38 26.11 -1.21 13.07
CA LEU A 38 25.00 -1.59 12.19
C LEU A 38 25.18 -1.10 10.76
N SER A 39 26.25 -0.35 10.45
CA SER A 39 26.48 0.12 9.09
C SER A 39 26.75 -1.04 8.13
N THR A 40 27.04 -2.23 8.62
CA THR A 40 27.17 -3.42 7.79
C THR A 40 25.91 -4.28 7.82
N GLN A 41 24.92 -3.88 8.60
CA GLN A 41 23.75 -4.72 8.86
C GLN A 41 22.46 -4.14 8.29
N ILE A 42 22.34 -2.82 8.20
CA ILE A 42 21.11 -2.16 7.76
C ILE A 42 21.45 -1.22 6.62
N PHE A 43 20.71 -1.36 5.51
CA PHE A 43 20.95 -0.61 4.28
C PHE A 43 19.63 -0.04 3.77
N CYS A 44 19.67 1.18 3.24
CA CYS A 44 18.47 1.85 2.75
C CYS A 44 18.75 2.49 1.39
N HIS A 45 17.66 2.79 0.67
CA HIS A 45 17.79 3.43 -0.63
C HIS A 45 16.59 4.32 -0.92
N ASN A 46 16.81 5.27 -1.82
CA ASN A 46 15.81 6.20 -2.31
C ASN A 46 15.20 5.66 -3.61
N ASP A 47 13.86 5.58 -3.66
CA ASP A 47 13.22 4.94 -4.81
C ASP A 47 13.04 5.85 -6.02
N TYR A 48 13.14 7.17 -5.86
CA TYR A 48 13.01 8.12 -6.98
C TYR A 48 13.98 9.27 -6.77
N PRO A 49 15.28 8.99 -6.81
CA PRO A 49 16.27 10.01 -6.43
C PRO A 49 16.39 11.17 -7.40
N GLU A 50 15.96 11.03 -8.66
CA GLU A 50 16.01 12.15 -9.59
C GLU A 50 15.08 13.28 -9.17
N THR A 51 13.98 12.97 -8.48
CA THR A 51 12.97 13.97 -8.14
C THR A 51 12.64 14.08 -6.66
N ILE A 52 13.11 13.16 -5.82
CA ILE A 52 12.82 13.19 -4.39
C ILE A 52 14.11 13.05 -3.60
N THR A 53 14.23 13.82 -2.53
CA THR A 53 15.32 13.67 -1.56
C THR A 53 14.74 13.10 -0.27
N ASP A 54 15.36 12.02 0.22
CA ASP A 54 14.94 11.38 1.45
C ASP A 54 15.83 11.81 2.61
N TYR A 55 15.21 12.04 3.76
CA TYR A 55 15.88 12.49 4.98
C TYR A 55 15.72 11.44 6.06
N VAL A 56 16.82 11.01 6.66
CA VAL A 56 16.81 9.89 7.59
C VAL A 56 17.52 10.30 8.88
N THR A 57 16.83 10.11 10.01
CA THR A 57 17.35 10.44 11.33
C THR A 57 17.22 9.24 12.25
N LEU A 58 18.02 9.27 13.31
CA LEU A 58 17.81 8.38 14.46
C LEU A 58 16.93 9.13 15.47
N GLN A 59 15.80 8.53 15.81
CA GLN A 59 14.77 9.19 16.60
C GLN A 59 15.02 9.00 18.10
N ARG A 60 14.64 10.01 18.89
CA ARG A 60 14.75 9.91 20.33
C ARG A 60 13.99 8.70 20.84
N GLY A 61 14.44 8.16 21.97
CA GLY A 61 13.91 6.93 22.51
C GLY A 61 14.58 5.68 21.99
N SER A 62 15.57 5.81 21.11
CA SER A 62 16.39 4.67 20.72
C SER A 62 17.30 4.31 21.89
N ALA A 63 17.37 3.03 22.22
CA ALA A 63 17.93 2.63 23.51
C ALA A 63 18.38 1.18 23.46
N TYR A 64 19.22 0.81 24.42
CA TYR A 64 19.49 -0.59 24.67
C TYR A 64 18.23 -1.27 25.23
N GLY A 65 18.13 -2.57 24.97
CA GLY A 65 17.01 -3.36 25.46
C GLY A 65 17.48 -4.67 26.09
N GLY A 66 16.50 -5.39 26.63
CA GLY A 66 16.81 -6.68 27.23
C GLY A 66 17.85 -6.56 28.33
N VAL A 67 18.80 -7.51 28.34
CA VAL A 67 19.78 -7.58 29.40
C VAL A 67 20.72 -6.38 29.42
N LEU A 68 20.77 -5.58 28.35
CA LEU A 68 21.57 -4.37 28.31
C LEU A 68 20.80 -3.09 28.67
N SER A 69 19.50 -3.17 28.99
CA SER A 69 18.69 -1.95 29.06
C SER A 69 19.08 -1.01 30.19
N SER A 70 19.85 -1.47 31.17
CA SER A 70 20.30 -0.57 32.23
C SER A 70 21.52 0.25 31.82
N PHE A 71 22.22 -0.16 30.77
CA PHE A 71 23.44 0.52 30.36
C PHE A 71 23.16 1.76 29.53
N SER A 72 24.00 2.77 29.72
CA SER A 72 24.04 3.95 28.89
C SER A 72 25.33 3.93 28.06
N GLY A 73 25.42 4.87 27.13
CA GLY A 73 26.59 4.95 26.27
C GLY A 73 26.47 6.10 25.30
N THR A 74 27.02 5.92 24.10
CA THR A 74 26.88 6.89 23.04
C THR A 74 26.52 6.16 21.75
N VAL A 75 25.97 6.91 20.82
CA VAL A 75 25.65 6.41 19.49
C VAL A 75 26.37 7.31 18.49
N LYS A 76 27.11 6.69 17.59
CA LYS A 76 27.76 7.41 16.52
C LYS A 76 26.87 7.32 15.29
N TYR A 77 26.38 8.47 14.83
CA TYR A 77 25.49 8.53 13.69
C TYR A 77 26.14 9.42 12.63
N ASN A 78 26.52 8.81 11.52
CA ASN A 78 27.07 9.55 10.39
C ASN A 78 28.28 10.37 10.80
N GLY A 79 29.09 9.82 11.70
CA GLY A 79 30.36 10.43 12.05
C GLY A 79 30.36 11.30 13.29
N SER A 80 29.20 11.51 13.92
CA SER A 80 29.12 12.32 15.13
C SER A 80 28.53 11.48 16.25
N SER A 81 28.84 11.89 17.48
CA SER A 81 28.50 11.11 18.66
C SER A 81 27.43 11.82 19.47
N TYR A 82 26.48 11.04 19.97
CA TYR A 82 25.35 11.55 20.72
C TYR A 82 25.15 10.65 21.94
N PRO A 83 24.59 11.18 23.03
CA PRO A 83 24.26 10.31 24.16
C PRO A 83 23.27 9.24 23.74
N PHE A 84 23.39 8.07 24.36
CA PHE A 84 22.57 6.92 24.07
C PHE A 84 22.23 6.33 25.43
N PRO A 85 20.93 6.11 25.75
CA PRO A 85 19.74 6.25 24.88
C PRO A 85 19.52 7.68 24.41
N THR A 86 18.87 7.84 23.27
CA THR A 86 18.77 9.15 22.64
C THR A 86 17.66 9.97 23.29
N THR A 87 18.00 11.18 23.70
CA THR A 87 17.04 12.11 24.29
C THR A 87 16.52 13.11 23.27
N SER A 88 17.16 13.19 22.10
CA SER A 88 16.73 14.10 21.04
C SER A 88 17.08 13.47 19.70
N GLU A 89 16.33 13.88 18.67
CA GLU A 89 16.53 13.37 17.33
C GLU A 89 17.85 13.87 16.75
N THR A 90 18.54 12.99 16.01
CA THR A 90 19.79 13.37 15.36
C THR A 90 19.54 14.27 14.15
N PRO A 91 20.57 14.94 13.65
CA PRO A 91 20.52 15.51 12.31
C PRO A 91 20.23 14.47 11.24
N ARG A 92 19.91 14.97 10.05
CA ARG A 92 19.49 14.13 8.94
C ARG A 92 20.66 13.59 8.14
N VAL A 93 20.50 12.36 7.67
CA VAL A 93 21.32 11.81 6.60
C VAL A 93 20.49 11.81 5.32
N VAL A 94 21.09 12.25 4.21
CA VAL A 94 20.40 12.32 2.93
C VAL A 94 20.63 11.04 2.16
N TYR A 95 19.54 10.44 1.67
CA TYR A 95 19.62 9.32 0.73
C TYR A 95 19.13 9.80 -0.63
N ASN A 96 19.97 9.62 -1.64
CA ASN A 96 19.77 10.22 -2.95
C ASN A 96 20.20 9.27 -4.07
N SER A 97 20.09 7.96 -3.82
CA SER A 97 20.49 6.94 -4.78
C SER A 97 19.58 5.73 -4.65
N ARG A 98 19.41 5.02 -5.76
CA ARG A 98 18.71 3.73 -5.77
C ARG A 98 19.55 2.62 -5.18
N THR A 99 20.86 2.79 -5.11
CA THR A 99 21.72 1.76 -4.55
C THR A 99 21.51 1.70 -3.04
N ASP A 100 21.32 0.49 -2.53
CA ASP A 100 21.21 0.33 -1.09
C ASP A 100 22.52 0.75 -0.44
N LYS A 101 22.44 1.61 0.57
CA LYS A 101 23.63 2.09 1.25
C LYS A 101 23.47 2.05 2.76
N PRO A 102 24.58 2.02 3.49
CA PRO A 102 24.51 1.78 4.94
C PRO A 102 23.69 2.83 5.67
N TRP A 103 22.99 2.38 6.70
CA TRP A 103 22.49 3.28 7.74
C TRP A 103 23.62 3.44 8.74
N PRO A 104 24.25 4.62 8.84
CA PRO A 104 25.56 4.70 9.54
C PRO A 104 25.43 4.85 11.04
N VAL A 105 25.05 3.76 11.70
CA VAL A 105 24.79 3.73 13.15
C VAL A 105 25.75 2.76 13.81
N ALA A 106 26.37 3.19 14.91
CA ALA A 106 27.20 2.32 15.73
C ALA A 106 26.92 2.63 17.19
N LEU A 107 26.69 1.58 17.98
CA LEU A 107 26.30 1.72 19.39
C LEU A 107 27.50 1.44 20.29
N TYR A 108 27.72 2.33 21.26
CA TYR A 108 28.81 2.20 22.22
C TYR A 108 28.28 2.20 23.64
N LEU A 109 29.11 1.69 24.55
CA LEU A 109 28.75 1.46 25.94
C LEU A 109 29.77 2.14 26.85
N THR A 110 29.27 2.91 27.81
CA THR A 110 30.15 3.60 28.77
C THR A 110 30.76 2.60 29.75
N PRO A 111 32.09 2.46 29.81
CA PRO A 111 32.69 1.44 30.67
C PRO A 111 32.35 1.63 32.14
N VAL A 112 32.15 0.49 32.83
CA VAL A 112 31.75 0.49 34.23
C VAL A 112 32.69 -0.36 35.10
N SER A 113 33.60 -1.12 34.48
CA SER A 113 34.47 -2.04 35.19
C SER A 113 35.91 -1.88 34.70
N SER A 114 36.80 -2.73 35.22
CA SER A 114 38.15 -2.82 34.67
C SER A 114 38.18 -3.73 33.45
N ALA A 115 37.74 -4.99 33.62
CA ALA A 115 37.75 -5.92 32.50
C ALA A 115 36.59 -6.92 32.54
N GLY A 116 35.52 -6.62 33.28
CA GLY A 116 34.38 -7.49 33.31
C GLY A 116 33.59 -7.43 32.01
N GLY A 117 32.50 -8.19 31.98
CA GLY A 117 31.66 -8.26 30.80
C GLY A 117 30.27 -8.75 31.15
N VAL A 118 29.37 -8.64 30.18
CA VAL A 118 28.02 -9.21 30.27
C VAL A 118 27.96 -10.37 29.30
N ALA A 119 27.57 -11.54 29.79
CA ALA A 119 27.41 -12.71 28.94
C ALA A 119 26.03 -12.67 28.30
N ILE A 120 26.00 -12.70 26.97
CA ILE A 120 24.76 -12.59 26.20
C ILE A 120 24.53 -13.91 25.51
N LYS A 121 23.34 -14.49 25.70
CA LYS A 121 22.96 -15.70 25.00
C LYS A 121 22.42 -15.38 23.60
N ALA A 122 22.76 -16.26 22.66
CA ALA A 122 22.22 -16.18 21.31
C ALA A 122 20.72 -15.99 21.38
N GLY A 123 20.21 -15.03 20.60
CA GLY A 123 18.79 -14.75 20.59
C GLY A 123 18.32 -13.69 21.55
N SER A 124 19.24 -13.01 22.24
CA SER A 124 18.85 -12.00 23.22
C SER A 124 18.70 -10.65 22.55
N LEU A 125 17.69 -9.90 23.00
CA LEU A 125 17.49 -8.54 22.52
C LEU A 125 18.57 -7.65 23.13
N ILE A 126 19.23 -6.83 22.31
CA ILE A 126 20.20 -5.89 22.85
C ILE A 126 19.85 -4.43 22.60
N ALA A 127 18.98 -4.11 21.64
CA ALA A 127 18.70 -2.69 21.40
C ALA A 127 17.46 -2.54 20.51
N VAL A 128 16.87 -1.35 20.60
CA VAL A 128 15.72 -0.96 19.78
C VAL A 128 16.03 0.42 19.21
N LEU A 129 16.19 0.50 17.90
CA LEU A 129 16.54 1.73 17.21
C LEU A 129 15.39 2.17 16.33
N ILE A 130 15.14 3.46 16.27
CA ILE A 130 14.05 4.01 15.48
C ILE A 130 14.65 4.87 14.37
N LEU A 131 14.53 4.39 13.15
CA LEU A 131 14.89 5.16 11.97
C LEU A 131 13.66 5.94 11.51
N ARG A 132 13.79 7.26 11.44
CA ARG A 132 12.71 8.12 10.97
C ARG A 132 13.04 8.63 9.57
N GLN A 133 12.08 8.49 8.65
CA GLN A 133 12.27 8.86 7.26
C GLN A 133 11.21 9.87 6.82
N THR A 134 11.67 10.98 6.28
CA THR A 134 10.82 11.99 5.64
C THR A 134 11.42 12.30 4.28
N ASN A 135 10.86 13.28 3.60
CA ASN A 135 11.33 13.66 2.27
C ASN A 135 11.01 15.14 2.03
N ASN A 136 11.37 15.60 0.84
CA ASN A 136 11.10 16.97 0.41
C ASN A 136 9.99 17.00 -0.64
N TYR A 137 9.05 16.07 -0.56
CA TYR A 137 8.06 15.93 -1.62
C TYR A 137 6.62 15.89 -1.12
N ASN A 138 6.37 15.18 -0.02
CA ASN A 138 5.04 15.09 0.55
C ASN A 138 5.22 15.10 2.07
N SER A 139 4.22 14.60 2.79
CA SER A 139 4.22 14.62 4.24
C SER A 139 4.45 13.23 4.83
N ASP A 140 4.97 12.30 4.02
CA ASP A 140 5.43 11.03 4.55
C ASP A 140 6.32 11.24 5.77
N ASP A 141 6.03 10.50 6.83
CA ASP A 141 6.76 10.59 8.10
C ASP A 141 6.68 9.19 8.72
N PHE A 142 7.66 8.35 8.39
CA PHE A 142 7.58 6.93 8.69
C PHE A 142 8.63 6.53 9.72
N GLN A 143 8.30 5.49 10.48
CA GLN A 143 9.21 4.88 11.43
C GLN A 143 9.61 3.50 10.94
N PHE A 144 10.91 3.28 10.87
CA PHE A 144 11.48 1.96 10.62
C PHE A 144 12.12 1.53 11.93
N VAL A 145 11.50 0.58 12.63
CA VAL A 145 11.93 0.17 13.95
C VAL A 145 12.78 -1.09 13.83
N TRP A 146 14.03 -0.99 14.25
CA TRP A 146 14.98 -2.10 14.16
C TRP A 146 15.21 -2.65 15.56
N ASN A 147 14.76 -3.89 15.78
CA ASN A 147 14.99 -4.59 17.04
C ASN A 147 16.24 -5.45 16.85
N ILE A 148 17.32 -5.08 17.55
CA ILE A 148 18.63 -5.67 17.35
C ILE A 148 18.82 -6.83 18.33
N TYR A 149 19.13 -8.01 17.80
CA TYR A 149 19.31 -9.22 18.59
C TYR A 149 20.72 -9.77 18.38
N ALA A 150 21.24 -10.42 19.41
CA ALA A 150 22.48 -11.17 19.30
C ALA A 150 22.21 -12.49 18.57
N ASN A 151 22.94 -12.73 17.49
CA ASN A 151 22.82 -14.00 16.79
C ASN A 151 23.67 -15.10 17.43
N ASN A 152 24.66 -14.71 18.23
CA ASN A 152 25.65 -15.62 18.78
C ASN A 152 25.79 -15.41 20.28
N ASP A 153 26.23 -16.46 20.98
CA ASP A 153 26.65 -16.31 22.36
C ASP A 153 27.89 -15.43 22.38
N VAL A 154 27.88 -14.38 23.20
CA VAL A 154 28.99 -13.44 23.21
C VAL A 154 29.07 -12.76 24.58
N VAL A 155 30.24 -12.23 24.89
CA VAL A 155 30.47 -11.42 26.09
C VAL A 155 30.71 -9.99 25.63
N VAL A 156 29.91 -9.07 26.13
CA VAL A 156 30.08 -7.65 25.85
C VAL A 156 31.01 -7.06 26.91
N PRO A 157 32.17 -6.53 26.54
CA PRO A 157 33.08 -5.99 27.55
C PRO A 157 32.53 -4.69 28.14
N THR A 158 32.60 -4.58 29.47
CA THR A 158 32.15 -3.41 30.19
C THR A 158 33.31 -2.61 30.78
N GLY A 159 34.55 -2.95 30.43
CA GLY A 159 35.69 -2.31 31.05
C GLY A 159 36.59 -1.55 30.09
N GLY A 160 37.71 -1.06 30.62
CA GLY A 160 38.75 -0.48 29.80
C GLY A 160 39.68 -1.50 29.16
N CYS A 161 39.53 -2.78 29.53
CA CYS A 161 40.48 -3.82 29.20
C CYS A 161 39.71 -5.07 28.81
N ASP A 162 40.31 -5.90 27.95
CA ASP A 162 39.67 -7.11 27.47
C ASP A 162 40.68 -8.26 27.49
N VAL A 163 40.16 -9.48 27.41
CA VAL A 163 40.96 -10.69 27.60
C VAL A 163 40.91 -11.55 26.35
N SER A 164 41.94 -12.38 26.18
CA SER A 164 42.01 -13.28 25.04
C SER A 164 40.89 -14.30 25.06
N ALA A 165 40.39 -14.63 26.25
CA ALA A 165 39.28 -15.58 26.38
C ALA A 165 38.65 -15.42 27.75
N ARG A 166 37.34 -15.65 27.80
CA ARG A 166 36.56 -15.51 29.02
C ARG A 166 36.33 -16.84 29.72
N ASP A 167 36.47 -17.95 28.98
CA ASP A 167 36.21 -19.29 29.47
C ASP A 167 37.39 -20.13 29.00
N VAL A 168 38.32 -20.44 29.91
CA VAL A 168 39.54 -21.17 29.57
C VAL A 168 39.47 -22.55 30.19
N THR A 169 39.84 -23.56 29.40
CA THR A 169 39.92 -24.94 29.86
C THR A 169 41.31 -25.46 29.55
N VAL A 170 41.98 -26.03 30.55
CA VAL A 170 43.29 -26.64 30.38
C VAL A 170 43.25 -28.06 30.94
N THR A 171 44.15 -28.90 30.42
CA THR A 171 44.28 -30.28 30.83
C THR A 171 45.68 -30.50 31.38
N LEU A 172 45.75 -30.89 32.65
CA LEU A 172 47.03 -31.24 33.24
C LEU A 172 47.53 -32.57 32.69
N PRO A 173 48.85 -32.78 32.68
CA PRO A 173 49.35 -34.16 32.60
C PRO A 173 48.78 -34.94 33.77
N ASP A 174 48.85 -36.27 33.67
CA ASP A 174 48.42 -37.08 34.80
C ASP A 174 49.29 -36.77 36.01
N TYR A 175 48.69 -36.86 37.19
CA TYR A 175 49.36 -36.49 38.42
C TYR A 175 50.69 -37.23 38.56
N PRO A 176 51.79 -36.54 38.93
CA PRO A 176 51.91 -35.11 39.18
C PRO A 176 52.37 -34.39 37.92
N GLY A 177 52.22 -33.08 37.87
CA GLY A 177 52.48 -32.35 36.64
C GLY A 177 51.89 -30.96 36.68
N SER A 178 52.24 -30.19 35.65
CA SER A 178 51.77 -28.83 35.50
C SER A 178 51.48 -28.56 34.03
N VAL A 179 50.76 -27.48 33.77
CA VAL A 179 50.43 -27.08 32.40
C VAL A 179 50.25 -25.57 32.37
N PRO A 180 50.80 -24.86 31.37
CA PRO A 180 50.57 -23.42 31.29
C PRO A 180 49.11 -23.11 30.99
N ILE A 181 48.64 -21.97 31.49
CA ILE A 181 47.30 -21.49 31.21
C ILE A 181 47.40 -20.34 30.22
N PRO A 182 46.94 -20.52 28.98
CA PRO A 182 46.95 -19.39 28.03
C PRO A 182 45.90 -18.33 28.36
N LEU A 183 46.34 -17.15 28.78
CA LEU A 183 45.42 -16.05 29.06
C LEU A 183 46.20 -14.74 29.04
N THR A 184 45.79 -13.82 28.17
CA THR A 184 46.39 -12.50 28.06
C THR A 184 45.31 -11.44 28.24
N VAL A 185 45.76 -10.24 28.56
CA VAL A 185 44.89 -9.09 28.73
C VAL A 185 45.54 -7.88 28.05
N TYR A 186 44.69 -6.98 27.56
CA TYR A 186 45.15 -5.72 27.00
C TYR A 186 44.12 -4.64 27.31
N CYS A 187 44.53 -3.38 27.23
CA CYS A 187 43.63 -2.26 27.46
C CYS A 187 43.68 -1.28 26.31
N ALA A 188 42.57 -0.56 26.11
CA ALA A 188 42.46 0.40 25.02
C ALA A 188 43.51 1.48 25.15
N LYS A 189 43.74 1.96 26.37
CA LYS A 189 44.81 2.87 26.70
C LYS A 189 45.49 2.33 27.93
N SER A 190 46.70 2.82 28.21
CA SER A 190 47.48 2.30 29.33
C SER A 190 46.69 2.36 30.63
N GLN A 191 46.69 1.25 31.37
CA GLN A 191 46.01 1.16 32.66
C GLN A 191 46.90 0.42 33.65
N ASN A 192 46.88 0.86 34.91
CA ASN A 192 47.55 0.14 35.98
C ASN A 192 46.64 -0.99 36.44
N LEU A 193 47.04 -2.23 36.16
CA LEU A 193 46.12 -3.36 36.24
C LEU A 193 46.64 -4.42 37.21
N GLY A 194 45.69 -5.05 37.93
CA GLY A 194 45.98 -6.22 38.73
C GLY A 194 44.84 -7.22 38.59
N TYR A 195 45.05 -8.39 39.19
CA TYR A 195 43.99 -9.40 39.20
C TYR A 195 44.06 -10.19 40.49
N TYR A 196 42.95 -10.85 40.82
CA TYR A 196 42.89 -11.77 41.95
C TYR A 196 42.04 -12.97 41.57
N LEU A 197 42.33 -14.10 42.23
CA LEU A 197 41.63 -15.35 41.98
C LEU A 197 40.49 -15.56 42.96
N SER A 198 39.49 -16.33 42.51
CA SER A 198 38.34 -16.67 43.32
C SER A 198 38.09 -18.17 43.22
N GLY A 199 37.58 -18.73 44.29
CA GLY A 199 37.24 -20.14 44.32
C GLY A 199 37.30 -20.68 45.74
N THR A 200 36.94 -21.95 45.86
CA THR A 200 36.92 -22.63 47.15
C THR A 200 38.21 -23.42 47.32
N THR A 201 38.85 -23.23 48.47
CA THR A 201 40.16 -23.82 48.73
C THR A 201 40.11 -24.81 49.89
N ALA A 202 41.05 -25.75 49.85
CA ALA A 202 41.09 -26.89 50.75
C ALA A 202 42.07 -26.72 51.91
N ASP A 203 42.96 -25.73 51.84
CA ASP A 203 44.12 -25.63 52.69
C ASP A 203 44.05 -24.36 53.55
N ALA A 204 44.80 -24.37 54.66
CA ALA A 204 44.84 -23.20 55.53
C ALA A 204 45.55 -22.02 54.88
N GLY A 205 46.40 -22.26 53.89
CA GLY A 205 46.99 -21.21 53.09
C GLY A 205 46.09 -20.64 52.01
N ASN A 206 44.86 -21.13 51.86
CA ASN A 206 43.89 -20.52 50.94
C ASN A 206 44.42 -20.53 49.50
N SER A 207 45.15 -21.58 49.14
CA SER A 207 45.84 -21.59 47.85
C SER A 207 45.73 -22.90 47.08
N ILE A 208 45.03 -23.92 47.59
CA ILE A 208 44.81 -25.16 46.84
C ILE A 208 43.31 -25.26 46.59
N PHE A 209 42.93 -25.19 45.33
CA PHE A 209 41.52 -25.20 44.97
C PHE A 209 40.98 -26.61 45.03
N THR A 210 39.81 -26.75 45.65
CA THR A 210 39.22 -28.04 45.92
C THR A 210 38.92 -28.80 44.63
N ASN A 211 39.04 -30.12 44.70
CA ASN A 211 38.66 -30.99 43.59
C ASN A 211 37.15 -31.15 43.57
N THR A 212 36.48 -30.49 42.63
CA THR A 212 35.03 -30.54 42.52
C THR A 212 34.57 -31.40 41.36
N ALA A 213 35.42 -32.30 40.86
CA ALA A 213 34.98 -33.19 39.78
C ALA A 213 33.76 -33.99 40.23
N SER A 214 32.83 -34.16 39.30
CA SER A 214 31.52 -34.74 39.60
C SER A 214 31.48 -36.24 39.43
N PHE A 215 32.32 -36.80 38.57
CA PHE A 215 32.31 -38.23 38.28
C PHE A 215 33.68 -38.82 38.63
N SER A 216 33.66 -39.83 39.49
CA SER A 216 34.85 -40.58 39.88
C SER A 216 36.03 -39.68 40.33
N PRO A 217 35.80 -38.83 41.34
CA PRO A 217 36.87 -37.91 41.76
C PRO A 217 38.00 -38.62 42.48
N ALA A 218 39.23 -38.21 42.15
CA ALA A 218 40.37 -38.53 42.99
C ALA A 218 40.15 -37.96 44.39
N GLN A 219 40.86 -38.52 45.37
CA GLN A 219 40.95 -37.91 46.68
C GLN A 219 42.37 -37.47 46.96
N GLY A 220 42.50 -36.50 47.86
CA GLY A 220 43.79 -36.06 48.35
C GLY A 220 44.54 -35.07 47.50
N VAL A 221 43.94 -34.53 46.44
CA VAL A 221 44.62 -33.58 45.58
C VAL A 221 43.68 -32.44 45.20
N GLY A 222 44.28 -31.27 44.99
CA GLY A 222 43.57 -30.11 44.48
C GLY A 222 44.41 -29.44 43.41
N VAL A 223 44.03 -28.25 43.00
CA VAL A 223 44.70 -27.52 41.93
C VAL A 223 45.28 -26.24 42.51
N GLN A 224 46.53 -25.96 42.17
CA GLN A 224 47.24 -24.79 42.66
C GLN A 224 47.81 -24.04 41.47
N LEU A 225 47.59 -22.73 41.43
CA LEU A 225 48.11 -21.89 40.36
C LEU A 225 49.38 -21.20 40.82
N THR A 226 50.35 -21.09 39.90
CA THR A 226 51.60 -20.40 40.15
C THR A 226 51.88 -19.39 39.04
N ARG A 227 52.66 -18.37 39.39
CA ARG A 227 53.23 -17.42 38.44
C ARG A 227 54.75 -17.47 38.61
N ASN A 228 55.43 -18.03 37.62
CA ASN A 228 56.87 -18.32 37.69
C ASN A 228 57.27 -18.94 39.02
N GLY A 229 56.53 -19.97 39.43
CA GLY A 229 56.85 -20.70 40.63
C GLY A 229 56.19 -20.18 41.90
N THR A 230 55.78 -18.91 41.92
CA THR A 230 55.15 -18.36 43.11
C THR A 230 53.68 -18.75 43.17
N ILE A 231 53.28 -19.31 44.31
CA ILE A 231 51.90 -19.72 44.54
C ILE A 231 51.00 -18.49 44.63
N ILE A 232 49.85 -18.56 43.98
CA ILE A 232 48.84 -17.50 44.02
C ILE A 232 47.69 -17.95 44.92
N PRO A 233 47.52 -17.38 46.11
CA PRO A 233 46.32 -17.67 46.90
C PRO A 233 45.10 -16.96 46.32
N ALA A 234 43.93 -17.40 46.77
CA ALA A 234 42.69 -16.71 46.40
C ALA A 234 42.60 -15.35 47.09
N ASN A 235 41.90 -14.42 46.43
CA ASN A 235 41.59 -13.11 47.00
C ASN A 235 42.86 -12.41 47.48
N ASN A 236 43.90 -12.47 46.65
CA ASN A 236 45.19 -11.85 46.93
C ASN A 236 45.65 -11.21 45.62
N THR A 237 45.64 -9.87 45.56
CA THR A 237 45.78 -9.17 44.29
C THR A 237 47.22 -9.24 43.77
N VAL A 238 47.36 -9.69 42.53
CA VAL A 238 48.64 -9.71 41.81
C VAL A 238 48.67 -8.52 40.87
N SER A 239 49.79 -7.80 40.85
CA SER A 239 49.93 -6.63 39.98
C SER A 239 50.51 -7.03 38.63
N LEU A 240 49.93 -6.49 37.56
CA LEU A 240 50.46 -6.63 36.21
C LEU A 240 51.18 -5.38 35.74
N GLY A 241 51.36 -4.38 36.60
CA GLY A 241 51.97 -3.14 36.18
C GLY A 241 51.06 -2.35 35.24
N ALA A 242 51.68 -1.63 34.31
CA ALA A 242 50.97 -0.85 33.31
C ALA A 242 50.69 -1.74 32.11
N VAL A 243 49.41 -1.91 31.76
CA VAL A 243 48.99 -2.73 30.63
C VAL A 243 48.39 -1.81 29.58
N GLY A 244 48.88 -1.92 28.34
CA GLY A 244 48.42 -1.10 27.24
C GLY A 244 47.85 -1.91 26.10
N THR A 245 47.98 -1.40 24.88
CA THR A 245 47.34 -2.02 23.73
C THR A 245 47.96 -3.35 23.34
N SER A 246 49.21 -3.62 23.73
CA SER A 246 49.81 -4.93 23.48
C SER A 246 49.39 -5.91 24.56
N ALA A 247 49.01 -7.11 24.15
CA ALA A 247 48.50 -8.10 25.09
C ALA A 247 49.61 -8.53 26.05
N VAL A 248 49.24 -8.71 27.31
CA VAL A 248 50.16 -9.11 28.37
C VAL A 248 49.66 -10.43 28.94
N SER A 249 50.53 -11.45 28.93
CA SER A 249 50.18 -12.72 29.54
C SER A 249 50.17 -12.60 31.06
N LEU A 250 49.19 -13.23 31.70
CA LEU A 250 49.22 -13.35 33.15
C LEU A 250 50.30 -14.31 33.62
N GLY A 251 50.86 -15.12 32.73
CA GLY A 251 51.93 -16.04 33.11
C GLY A 251 51.51 -17.10 34.11
N LEU A 252 50.27 -17.58 34.01
CA LEU A 252 49.73 -18.54 34.97
C LEU A 252 50.04 -19.97 34.56
N THR A 253 50.28 -20.82 35.56
CA THR A 253 50.50 -22.24 35.37
C THR A 253 49.66 -23.00 36.38
N ALA A 254 49.07 -24.11 35.97
CA ALA A 254 48.29 -24.95 36.85
C ALA A 254 49.12 -26.14 37.33
N ASN A 255 48.91 -26.53 38.59
CA ASN A 255 49.63 -27.62 39.22
C ASN A 255 48.66 -28.45 40.05
N TYR A 256 48.97 -29.73 40.22
CA TYR A 256 48.37 -30.49 41.31
C TYR A 256 49.04 -30.13 42.63
N ALA A 257 48.28 -30.19 43.71
CA ALA A 257 48.81 -30.01 45.05
C ALA A 257 48.05 -30.91 46.03
N ARG A 258 48.80 -31.59 46.90
CA ARG A 258 48.18 -32.50 47.85
C ARG A 258 47.46 -31.72 48.96
N THR A 259 46.30 -32.24 49.36
CA THR A 259 45.45 -31.58 50.34
C THR A 259 45.43 -32.27 51.69
N GLY A 260 46.07 -33.43 51.83
CA GLY A 260 46.07 -34.13 53.11
C GLY A 260 45.46 -35.51 52.94
N GLY A 261 46.19 -36.50 53.44
CA GLY A 261 45.70 -37.86 53.43
C GLY A 261 46.02 -38.61 52.16
N GLN A 262 45.49 -39.82 52.12
CA GLN A 262 45.63 -40.75 51.00
C GLN A 262 45.27 -40.09 49.67
N VAL A 263 46.16 -40.25 48.68
CA VAL A 263 45.88 -39.84 47.31
C VAL A 263 45.33 -41.06 46.57
N THR A 264 44.11 -40.94 46.04
CA THR A 264 43.46 -42.05 45.34
C THR A 264 43.19 -41.69 43.88
N ALA A 265 43.16 -42.72 43.05
CA ALA A 265 42.94 -42.56 41.62
C ALA A 265 41.58 -41.93 41.34
N GLY A 266 41.47 -41.22 40.23
CA GLY A 266 40.23 -40.58 39.86
C GLY A 266 40.48 -39.28 39.12
N ASN A 267 39.38 -38.63 38.78
CA ASN A 267 39.41 -37.38 38.04
C ASN A 267 39.60 -36.19 38.97
N VAL A 268 40.22 -35.14 38.43
CA VAL A 268 40.42 -33.88 39.14
C VAL A 268 39.84 -32.75 38.29
N GLN A 269 39.08 -31.87 38.94
CA GLN A 269 38.61 -30.66 38.29
C GLN A 269 38.53 -29.54 39.31
N SER A 270 38.98 -28.34 38.92
CA SER A 270 38.72 -27.14 39.68
C SER A 270 38.32 -26.01 38.74
N ILE A 271 37.36 -25.20 39.19
CA ILE A 271 36.92 -24.01 38.47
C ILE A 271 37.42 -22.81 39.26
N ILE A 272 38.17 -21.93 38.60
CA ILE A 272 38.84 -20.82 39.27
C ILE A 272 38.48 -19.53 38.55
N GLY A 273 38.10 -18.51 39.32
CA GLY A 273 37.80 -17.22 38.75
C GLY A 273 39.00 -16.30 38.73
N VAL A 274 39.05 -15.46 37.69
CA VAL A 274 40.03 -14.38 37.59
C VAL A 274 39.28 -13.07 37.40
N THR A 275 39.61 -12.07 38.23
CA THR A 275 38.94 -10.78 38.21
C THR A 275 39.99 -9.68 38.23
N PHE A 276 39.83 -8.69 37.35
CA PHE A 276 40.80 -7.61 37.22
C PHE A 276 40.35 -6.38 38.00
N VAL A 277 41.34 -5.60 38.43
CA VAL A 277 41.12 -4.38 39.18
C VAL A 277 42.10 -3.31 38.70
N TYR A 278 41.66 -2.06 38.78
CA TYR A 278 42.55 -0.93 38.53
C TYR A 278 43.34 -0.62 39.80
N GLN A 279 44.63 -0.36 39.64
CA GLN A 279 45.47 0.00 40.77
C GLN A 279 45.92 1.46 40.72
N ALA B 1 32.80 -13.54 38.39
CA ALA B 1 34.17 -13.24 37.97
C ALA B 1 34.29 -12.89 36.45
N ASP B 2 35.40 -12.21 36.12
CA ASP B 2 35.63 -11.78 34.74
C ASP B 2 35.99 -12.94 33.82
N VAL B 3 36.82 -13.87 34.29
CA VAL B 3 37.28 -15.01 33.50
C VAL B 3 37.20 -16.23 34.41
N THR B 4 36.85 -17.38 33.84
CA THR B 4 36.88 -18.64 34.58
C THR B 4 37.86 -19.60 33.94
N ILE B 5 38.70 -20.20 34.77
CA ILE B 5 39.65 -21.22 34.34
C ILE B 5 39.17 -22.55 34.86
N THR B 6 38.97 -23.51 33.95
CA THR B 6 38.62 -24.87 34.32
C THR B 6 39.86 -25.73 34.12
N VAL B 7 40.34 -26.33 35.19
CA VAL B 7 41.53 -27.17 35.17
C VAL B 7 41.09 -28.61 35.34
N ASN B 8 41.40 -29.43 34.36
CA ASN B 8 41.04 -30.84 34.36
C ASN B 8 42.31 -31.66 34.53
N GLY B 9 42.22 -32.69 35.37
CA GLY B 9 43.36 -33.57 35.56
C GLY B 9 42.94 -34.97 35.96
N LYS B 10 43.91 -35.80 36.29
CA LYS B 10 43.65 -37.21 36.58
C LYS B 10 44.75 -37.77 37.46
N VAL B 11 44.35 -38.58 38.43
CA VAL B 11 45.27 -39.35 39.26
C VAL B 11 45.13 -40.81 38.83
N VAL B 12 46.23 -41.41 38.39
CA VAL B 12 46.26 -42.81 37.96
C VAL B 12 46.98 -43.60 39.04
N ALA B 13 46.39 -44.73 39.41
CA ALA B 13 46.95 -45.58 40.45
C ALA B 13 48.41 -45.92 40.16
N PHE C 1 -0.83 6.17 -7.68
CA PHE C 1 -2.17 5.89 -8.26
C PHE C 1 -2.57 7.06 -9.14
N ALA C 2 -2.95 6.76 -10.38
CA ALA C 2 -3.34 7.78 -11.34
C ALA C 2 -4.32 7.16 -12.33
N CYS C 3 -5.10 8.01 -12.98
CA CYS C 3 -6.16 7.57 -13.87
C CYS C 3 -6.13 8.35 -15.18
N LYS C 4 -6.66 7.73 -16.23
CA LYS C 4 -6.76 8.39 -17.52
C LYS C 4 -8.04 7.94 -18.23
N THR C 5 -8.42 8.69 -19.25
CA THR C 5 -9.66 8.47 -19.98
C THR C 5 -9.37 8.01 -21.40
N ALA C 6 -10.41 7.49 -22.04
CA ALA C 6 -10.32 7.10 -23.44
C ALA C 6 -10.27 8.31 -24.37
N ASN C 7 -10.56 9.52 -23.87
CA ASN C 7 -10.53 10.73 -24.67
C ASN C 7 -9.37 11.66 -24.32
N GLY C 8 -8.26 11.11 -23.85
CA GLY C 8 -7.03 11.88 -23.84
C GLY C 8 -6.82 12.80 -22.67
N THR C 9 -7.60 12.66 -21.60
CA THR C 9 -7.37 13.43 -20.38
C THR C 9 -6.96 12.48 -19.27
N ALA C 10 -6.40 13.05 -18.21
CA ALA C 10 -5.84 12.25 -17.14
C ALA C 10 -5.83 13.05 -15.85
N ILE C 11 -5.71 12.34 -14.73
CA ILE C 11 -5.51 12.96 -13.43
C ILE C 11 -4.31 12.27 -12.78
N PRO C 12 -3.27 13.00 -12.39
CA PRO C 12 -2.06 12.38 -11.87
C PRO C 12 -2.16 12.04 -10.38
N ILE C 13 -1.04 11.53 -9.85
CA ILE C 13 -0.93 11.29 -8.41
C ILE C 13 -1.40 12.52 -7.64
N GLY C 14 -2.18 12.29 -6.59
CA GLY C 14 -2.71 13.35 -5.76
C GLY C 14 -4.12 13.77 -6.07
N GLY C 15 -4.69 13.34 -7.20
CA GLY C 15 -6.06 13.67 -7.54
C GLY C 15 -6.19 14.99 -8.29
N GLY C 16 -7.42 15.51 -8.30
CA GLY C 16 -7.77 16.62 -9.17
C GLY C 16 -9.06 16.37 -9.95
N SER C 17 -9.15 16.93 -11.16
CA SER C 17 -10.37 16.91 -11.95
C SER C 17 -10.04 16.65 -13.41
N ALA C 18 -11.01 16.08 -14.13
CA ALA C 18 -10.86 15.91 -15.56
C ALA C 18 -12.24 15.82 -16.21
N ASN C 19 -12.28 16.17 -17.50
CA ASN C 19 -13.49 16.12 -18.31
C ASN C 19 -13.48 14.87 -19.18
N VAL C 20 -14.54 14.08 -19.10
CA VAL C 20 -14.67 12.84 -19.86
C VAL C 20 -15.75 13.06 -20.91
N TYR C 21 -15.37 13.04 -22.18
CA TYR C 21 -16.30 13.17 -23.30
C TYR C 21 -16.61 11.79 -23.86
N VAL C 22 -17.87 11.37 -23.74
CA VAL C 22 -18.29 10.01 -24.03
C VAL C 22 -19.29 10.03 -25.19
N ASN C 23 -19.09 9.14 -26.16
CA ASN C 23 -20.10 8.91 -27.20
C ASN C 23 -21.17 7.99 -26.61
N LEU C 24 -22.29 8.58 -26.19
CA LEU C 24 -23.30 7.84 -25.45
C LEU C 24 -24.08 6.91 -26.35
N ALA C 25 -24.42 5.73 -25.81
CA ALA C 25 -25.28 4.76 -26.46
C ALA C 25 -26.22 4.21 -25.40
N PRO C 26 -27.14 5.03 -24.91
CA PRO C 26 -28.05 4.58 -23.85
C PRO C 26 -29.03 3.54 -24.39
N ALA C 27 -29.62 2.78 -23.46
CA ALA C 27 -30.55 1.73 -23.83
C ALA C 27 -31.48 1.44 -22.67
N VAL C 28 -32.71 1.03 -22.99
CA VAL C 28 -33.67 0.61 -21.98
C VAL C 28 -33.33 -0.79 -21.50
N ASN C 29 -33.50 -1.03 -20.20
CA ASN C 29 -33.39 -2.34 -19.59
C ASN C 29 -34.61 -2.52 -18.69
N VAL C 30 -34.82 -3.73 -18.20
CA VAL C 30 -35.97 -3.99 -17.33
C VAL C 30 -35.81 -3.18 -16.05
N GLY C 31 -36.71 -2.24 -15.83
CA GLY C 31 -36.76 -1.48 -14.59
C GLY C 31 -35.79 -0.33 -14.48
N GLN C 32 -34.84 -0.20 -15.41
CA GLN C 32 -33.91 0.91 -15.38
C GLN C 32 -33.24 1.02 -16.74
N ASN C 33 -32.80 2.22 -17.07
CA ASN C 33 -32.23 2.52 -18.38
C ASN C 33 -30.76 2.86 -18.20
N LEU C 34 -29.91 2.24 -19.01
CA LEU C 34 -28.49 2.56 -19.03
C LEU C 34 -28.28 3.93 -19.63
N VAL C 35 -27.68 4.84 -18.87
CA VAL C 35 -27.24 6.12 -19.42
C VAL C 35 -25.83 6.02 -19.98
N VAL C 36 -24.88 5.51 -19.18
CA VAL C 36 -23.50 5.44 -19.63
C VAL C 36 -22.74 4.41 -18.79
N ASP C 37 -21.96 3.58 -19.49
CA ASP C 37 -21.03 2.66 -18.87
C ASP C 37 -19.62 3.27 -18.97
N LEU C 38 -19.07 3.68 -17.83
CA LEU C 38 -17.76 4.33 -17.79
C LEU C 38 -16.61 3.34 -17.67
N SER C 39 -16.88 2.05 -17.54
CA SER C 39 -15.82 1.06 -17.46
C SER C 39 -15.01 0.98 -18.75
N THR C 40 -15.49 1.56 -19.84
CA THR C 40 -14.73 1.68 -21.08
C THR C 40 -14.11 3.05 -21.24
N GLN C 41 -14.37 3.97 -20.31
CA GLN C 41 -13.99 5.36 -20.46
C GLN C 41 -12.93 5.82 -19.45
N ILE C 42 -12.91 5.25 -18.26
CA ILE C 42 -12.03 5.69 -17.18
C ILE C 42 -11.21 4.49 -16.71
N PHE C 43 -9.89 4.66 -16.65
CA PHE C 43 -8.95 3.60 -16.30
C PHE C 43 -7.96 4.11 -15.27
N CYS C 44 -7.62 3.26 -14.31
CA CYS C 44 -6.71 3.63 -13.24
C CYS C 44 -5.70 2.50 -13.01
N HIS C 45 -4.60 2.85 -12.35
CA HIS C 45 -3.56 1.86 -12.05
C HIS C 45 -2.84 2.22 -10.75
N ASN C 46 -2.25 1.19 -10.16
CA ASN C 46 -1.45 1.29 -8.95
C ASN C 46 0.01 1.48 -9.34
N ASP C 47 0.67 2.50 -8.77
CA ASP C 47 2.04 2.83 -9.20
C ASP C 47 3.13 2.00 -8.51
N TYR C 48 2.82 1.33 -7.40
CA TYR C 48 3.81 0.49 -6.71
C TYR C 48 3.11 -0.75 -6.14
N PRO C 49 2.58 -1.61 -7.00
CA PRO C 49 1.79 -2.74 -6.52
C PRO C 49 2.61 -3.82 -5.82
N GLU C 50 3.94 -3.79 -5.93
CA GLU C 50 4.75 -4.80 -5.26
C GLU C 50 4.51 -4.81 -3.75
N THR C 51 4.33 -3.63 -3.14
CA THR C 51 4.13 -3.55 -1.70
C THR C 51 2.96 -2.69 -1.26
N ILE C 52 2.28 -1.99 -2.18
CA ILE C 52 1.22 -1.06 -1.82
C ILE C 52 -0.08 -1.55 -2.47
N THR C 53 -1.16 -1.49 -1.69
CA THR C 53 -2.50 -1.74 -2.16
C THR C 53 -3.29 -0.44 -2.17
N ASP C 54 -3.93 -0.14 -3.29
CA ASP C 54 -4.77 1.05 -3.43
C ASP C 54 -6.24 0.68 -3.30
N TYR C 55 -7.00 1.53 -2.61
CA TYR C 55 -8.42 1.32 -2.35
C TYR C 55 -9.22 2.44 -3.00
N VAL C 56 -10.22 2.07 -3.80
CA VAL C 56 -10.95 3.03 -4.62
C VAL C 56 -12.44 2.86 -4.39
N THR C 57 -13.12 3.98 -4.08
CA THR C 57 -14.55 4.00 -3.83
C THR C 57 -15.21 5.08 -4.68
N LEU C 58 -16.52 4.94 -4.86
CA LEU C 58 -17.35 6.02 -5.37
C LEU C 58 -17.91 6.80 -4.18
N GLN C 59 -17.63 8.09 -4.13
CA GLN C 59 -17.92 8.91 -2.97
C GLN C 59 -19.34 9.50 -3.05
N ARG C 60 -19.95 9.66 -1.87
CA ARG C 60 -21.26 10.29 -1.80
C ARG C 60 -21.24 11.67 -2.44
N GLY C 61 -22.40 12.08 -2.95
CA GLY C 61 -22.50 13.32 -3.69
C GLY C 61 -22.25 13.18 -5.19
N SER C 62 -21.94 11.98 -5.66
CA SER C 62 -21.86 11.73 -7.09
C SER C 62 -23.28 11.73 -7.67
N ALA C 63 -23.48 12.46 -8.76
CA ALA C 63 -24.84 12.78 -9.17
C ALA C 63 -24.87 13.11 -10.66
N TYR C 64 -26.08 13.06 -11.22
CA TYR C 64 -26.32 13.59 -12.54
C TYR C 64 -26.18 15.10 -12.54
N GLY C 65 -25.84 15.66 -13.71
CA GLY C 65 -25.77 17.09 -13.88
C GLY C 65 -26.51 17.51 -15.14
N GLY C 66 -26.58 18.82 -15.32
CA GLY C 66 -27.28 19.38 -16.47
C GLY C 66 -28.72 18.92 -16.53
N VAL C 67 -29.20 18.64 -17.75
CA VAL C 67 -30.60 18.31 -17.94
C VAL C 67 -31.01 16.99 -17.32
N LEU C 68 -30.07 16.15 -16.87
CA LEU C 68 -30.41 14.91 -16.20
C LEU C 68 -30.49 15.04 -14.68
N SER C 69 -30.18 16.20 -14.11
CA SER C 69 -30.02 16.27 -12.67
C SER C 69 -31.32 16.07 -11.91
N SER C 70 -32.48 16.14 -12.58
CA SER C 70 -33.75 15.89 -11.90
C SER C 70 -34.07 14.41 -11.76
N PHE C 71 -33.45 13.55 -12.56
CA PHE C 71 -33.79 12.15 -12.55
C PHE C 71 -33.05 11.42 -11.44
N SER C 72 -33.73 10.44 -10.86
CA SER C 72 -33.09 9.53 -9.93
C SER C 72 -32.77 8.24 -10.68
N GLY C 73 -31.99 7.40 -10.04
CA GLY C 73 -31.63 6.16 -10.67
C GLY C 73 -30.77 5.31 -9.78
N THR C 74 -29.90 4.52 -10.39
CA THR C 74 -28.97 3.69 -9.65
C THR C 74 -27.61 3.75 -10.32
N VAL C 75 -26.60 3.38 -9.56
CA VAL C 75 -25.23 3.26 -10.07
C VAL C 75 -24.77 1.85 -9.78
N LYS C 76 -24.32 1.14 -10.82
N LYS C 76 -24.26 1.19 -10.81
CA LYS C 76 -23.66 -0.15 -10.63
CA LYS C 76 -23.65 -0.13 -10.65
C LYS C 76 -22.17 0.10 -10.41
C LYS C 76 -22.15 0.08 -10.43
N TYR C 77 -21.66 -0.33 -9.27
CA TYR C 77 -20.24 -0.19 -8.92
C TYR C 77 -19.70 -1.57 -8.61
N ASN C 78 -18.80 -2.06 -9.46
CA ASN C 78 -18.13 -3.33 -9.22
C ASN C 78 -19.14 -4.47 -9.01
N GLY C 79 -20.24 -4.41 -9.74
CA GLY C 79 -21.20 -5.50 -9.76
C GLY C 79 -22.39 -5.35 -8.85
N SER C 80 -22.44 -4.30 -8.02
CA SER C 80 -23.54 -4.09 -7.09
C SER C 80 -24.17 -2.72 -7.37
N SER C 81 -25.43 -2.60 -6.98
CA SER C 81 -26.24 -1.44 -7.33
C SER C 81 -26.52 -0.60 -6.10
N TYR C 82 -26.44 0.71 -6.26
CA TYR C 82 -26.64 1.68 -5.20
C TYR C 82 -27.52 2.79 -5.70
N PRO C 83 -28.26 3.46 -4.81
CA PRO C 83 -29.03 4.62 -5.25
C PRO C 83 -28.13 5.69 -5.82
N PHE C 84 -28.64 6.41 -6.81
CA PHE C 84 -27.90 7.45 -7.49
C PHE C 84 -28.88 8.60 -7.65
N PRO C 85 -28.54 9.83 -7.19
CA PRO C 85 -27.25 10.28 -6.64
C PRO C 85 -26.86 9.56 -5.35
N THR C 86 -25.55 9.48 -5.08
CA THR C 86 -25.04 8.66 -3.99
C THR C 86 -25.17 9.39 -2.67
N THR C 87 -25.79 8.74 -1.69
CA THR C 87 -25.92 9.27 -0.35
C THR C 87 -24.87 8.75 0.61
N SER C 88 -24.13 7.70 0.23
CA SER C 88 -23.07 7.14 1.05
C SER C 88 -21.98 6.56 0.17
N GLU C 89 -20.78 6.45 0.74
CA GLU C 89 -19.65 5.90 0.01
C GLU C 89 -19.83 4.42 -0.25
N THR C 90 -19.43 3.97 -1.45
CA THR C 90 -19.49 2.55 -1.80
C THR C 90 -18.40 1.77 -1.07
N PRO C 91 -18.51 0.44 -1.06
CA PRO C 91 -17.35 -0.40 -0.72
C PRO C 91 -16.17 -0.16 -1.66
N ARG C 92 -15.03 -0.68 -1.25
CA ARG C 92 -13.76 -0.47 -1.95
C ARG C 92 -13.55 -1.45 -3.09
N VAL C 93 -12.95 -0.94 -4.17
CA VAL C 93 -12.32 -1.75 -5.20
C VAL C 93 -10.81 -1.69 -5.03
N VAL C 94 -10.14 -2.83 -5.13
CA VAL C 94 -8.70 -2.92 -4.96
C VAL C 94 -8.02 -2.78 -6.31
N TYR C 95 -7.04 -1.89 -6.38
CA TYR C 95 -6.14 -1.79 -7.54
C TYR C 95 -4.76 -2.26 -7.11
N ASN C 96 -4.24 -3.26 -7.81
CA ASN C 96 -3.03 -3.96 -7.38
C ASN C 96 -2.15 -4.31 -8.58
N SER C 97 -2.20 -3.48 -9.63
CA SER C 97 -1.43 -3.73 -10.84
C SER C 97 -1.06 -2.40 -11.48
N ARG C 98 0.08 -2.38 -12.18
CA ARG C 98 0.42 -1.23 -13.01
C ARG C 98 -0.38 -1.17 -14.29
N THR C 99 -0.97 -2.28 -14.69
CA THR C 99 -1.78 -2.27 -15.90
C THR C 99 -3.05 -1.46 -15.63
N ASP C 100 -3.34 -0.54 -16.53
CA ASP C 100 -4.56 0.26 -16.42
C ASP C 100 -5.76 -0.67 -16.40
N LYS C 101 -6.67 -0.46 -15.46
CA LYS C 101 -7.86 -1.28 -15.45
C LYS C 101 -9.08 -0.41 -15.23
N PRO C 102 -10.25 -0.86 -15.66
CA PRO C 102 -11.45 -0.03 -15.64
C PRO C 102 -11.82 0.43 -14.24
N TRP C 103 -12.36 1.64 -14.17
CA TRP C 103 -13.11 2.05 -12.99
C TRP C 103 -14.53 1.56 -13.22
N PRO C 104 -15.01 0.55 -12.48
CA PRO C 104 -16.22 -0.18 -12.91
C PRO C 104 -17.52 0.51 -12.49
N VAL C 105 -17.84 1.60 -13.17
CA VAL C 105 -19.00 2.43 -12.87
C VAL C 105 -19.93 2.45 -14.07
N ALA C 106 -21.21 2.23 -13.83
CA ALA C 106 -22.24 2.36 -14.85
C ALA C 106 -23.44 3.08 -14.24
N LEU C 107 -23.94 4.10 -14.94
CA LEU C 107 -25.01 4.95 -14.44
C LEU C 107 -26.33 4.57 -15.10
N TYR C 108 -27.38 4.42 -14.27
CA TYR C 108 -28.71 4.06 -14.74
C TYR C 108 -29.75 5.09 -14.30
N LEU C 109 -30.87 5.08 -15.00
CA LEU C 109 -31.94 6.06 -14.83
C LEU C 109 -33.27 5.35 -14.59
N THR C 110 -33.97 5.75 -13.53
CA THR C 110 -35.27 5.14 -13.21
C THR C 110 -36.34 5.60 -14.20
N PRO C 111 -36.98 4.69 -14.94
CA PRO C 111 -37.95 5.10 -15.97
C PRO C 111 -39.12 5.90 -15.39
N VAL C 112 -39.56 6.91 -16.15
CA VAL C 112 -40.63 7.80 -15.72
C VAL C 112 -41.74 7.91 -16.77
N SER C 113 -41.49 7.39 -17.97
CA SER C 113 -42.44 7.56 -19.07
C SER C 113 -42.72 6.23 -19.78
N SER C 114 -43.49 6.26 -20.88
CA SER C 114 -43.65 5.06 -21.70
C SER C 114 -42.47 4.90 -22.65
N ALA C 115 -42.22 5.93 -23.47
CA ALA C 115 -41.14 5.89 -24.45
C ALA C 115 -40.52 7.27 -24.66
N GLY C 116 -40.65 8.18 -23.70
CA GLY C 116 -40.05 9.49 -23.81
C GLY C 116 -38.53 9.43 -23.72
N GLY C 117 -37.94 10.62 -23.86
CA GLY C 117 -36.49 10.75 -23.79
C GLY C 117 -36.14 12.19 -23.49
N VAL C 118 -34.88 12.38 -23.10
CA VAL C 118 -34.31 13.70 -22.91
C VAL C 118 -33.26 13.94 -23.98
N ALA C 119 -33.36 15.07 -24.67
CA ALA C 119 -32.41 15.42 -25.72
C ALA C 119 -31.17 16.03 -25.10
N ILE C 120 -30.01 15.47 -25.44
CA ILE C 120 -28.73 15.93 -24.91
C ILE C 120 -27.93 16.50 -26.06
N LYS C 121 -27.47 17.74 -25.90
CA LYS C 121 -26.66 18.38 -26.92
C LYS C 121 -25.20 17.96 -26.75
N ALA C 122 -24.53 17.74 -27.87
CA ALA C 122 -23.09 17.48 -27.86
C ALA C 122 -22.37 18.53 -27.02
N GLY C 123 -21.50 18.06 -26.12
CA GLY C 123 -20.71 18.95 -25.29
C GLY C 123 -21.35 19.34 -23.98
N SER C 124 -22.53 18.83 -23.67
CA SER C 124 -23.25 19.18 -22.45
C SER C 124 -22.96 18.18 -21.32
N LEU C 125 -22.95 18.72 -20.10
CA LEU C 125 -22.66 17.94 -18.90
C LEU C 125 -23.80 16.99 -18.55
N ILE C 126 -23.47 15.72 -18.24
CA ILE C 126 -24.47 14.77 -17.78
C ILE C 126 -24.23 14.25 -16.37
N ALA C 127 -23.03 14.31 -15.82
CA ALA C 127 -22.81 13.74 -14.49
C ALA C 127 -21.49 14.20 -13.93
N VAL C 128 -21.39 14.15 -12.59
CA VAL C 128 -20.17 14.48 -11.85
C VAL C 128 -19.95 13.35 -10.84
N LEU C 129 -18.87 12.59 -11.04
CA LEU C 129 -18.56 11.43 -10.21
C LEU C 129 -17.30 11.69 -9.42
N ILE C 130 -17.27 11.25 -8.17
CA ILE C 130 -16.12 11.46 -7.30
C ILE C 130 -15.51 10.11 -6.97
N LEU C 131 -14.31 9.88 -7.49
CA LEU C 131 -13.50 8.71 -7.16
C LEU C 131 -12.62 9.06 -5.97
N ARG C 132 -12.71 8.28 -4.90
CA ARG C 132 -11.88 8.46 -3.71
C ARG C 132 -10.84 7.35 -3.63
N GLN C 133 -9.58 7.73 -3.43
CA GLN C 133 -8.47 6.79 -3.40
C GLN C 133 -7.69 6.91 -2.09
N THR C 134 -7.50 5.76 -1.43
CA THR C 134 -6.63 5.65 -0.26
C THR C 134 -5.70 4.45 -0.48
N ASN C 135 -4.89 4.11 0.53
CA ASN C 135 -3.94 3.00 0.41
C ASN C 135 -3.70 2.40 1.79
N ASN C 136 -2.81 1.40 1.85
CA ASN C 136 -2.50 0.71 3.10
C ASN C 136 -1.12 1.07 3.68
N TYR C 137 -0.59 2.27 3.41
CA TYR C 137 0.73 2.61 3.95
C TYR C 137 0.84 4.03 4.50
N ASN C 138 0.16 5.02 3.95
CA ASN C 138 0.24 6.38 4.48
C ASN C 138 -1.18 6.92 4.57
N SER C 139 -1.31 8.25 4.66
CA SER C 139 -2.59 8.88 4.92
C SER C 139 -3.14 9.57 3.69
N ASP C 140 -2.61 9.24 2.51
CA ASP C 140 -3.17 9.73 1.26
C ASP C 140 -4.68 9.47 1.22
N ASP C 141 -5.43 10.51 0.88
CA ASP C 141 -6.89 10.46 0.80
C ASP C 141 -7.28 11.47 -0.27
N PHE C 142 -7.33 11.01 -1.52
CA PHE C 142 -7.44 11.91 -2.66
C PHE C 142 -8.78 11.75 -3.35
N GLN C 143 -9.19 12.85 -4.00
CA GLN C 143 -10.40 12.87 -4.80
C GLN C 143 -10.02 13.03 -6.27
N PHE C 144 -10.54 12.14 -7.10
CA PHE C 144 -10.46 12.23 -8.55
C PHE C 144 -11.88 12.55 -9.03
N VAL C 145 -12.10 13.78 -9.49
CA VAL C 145 -13.44 14.24 -9.88
C VAL C 145 -13.59 14.14 -11.39
N TRP C 146 -14.56 13.34 -11.83
CA TRP C 146 -14.80 13.09 -13.25
C TRP C 146 -16.07 13.83 -13.69
N ASN C 147 -15.91 14.80 -14.57
CA ASN C 147 -17.04 15.51 -15.17
C ASN C 147 -17.38 14.84 -16.49
N ILE C 148 -18.54 14.19 -16.55
CA ILE C 148 -18.93 13.37 -17.68
C ILE C 148 -19.74 14.22 -18.66
N TYR C 149 -19.29 14.28 -19.92
CA TYR C 149 -19.95 15.06 -20.94
C TYR C 149 -20.42 14.17 -22.08
N ALA C 150 -21.52 14.56 -22.71
CA ALA C 150 -21.95 13.93 -23.95
C ALA C 150 -21.07 14.44 -25.08
N ASN C 151 -20.44 13.52 -25.80
CA ASN C 151 -19.64 13.90 -26.96
C ASN C 151 -20.51 14.10 -28.20
N ASN C 152 -21.71 13.54 -28.19
CA ASN C 152 -22.58 13.48 -29.35
C ASN C 152 -23.95 14.02 -28.97
N ASP C 153 -24.68 14.52 -29.96
CA ASP C 153 -26.10 14.76 -29.74
C ASP C 153 -26.77 13.41 -29.53
N VAL C 154 -27.54 13.27 -28.46
CA VAL C 154 -28.19 11.99 -28.13
C VAL C 154 -29.50 12.25 -27.42
N VAL C 155 -30.33 11.22 -27.44
CA VAL C 155 -31.55 11.16 -26.66
C VAL C 155 -31.39 10.06 -25.64
N VAL C 156 -31.56 10.40 -24.37
CA VAL C 156 -31.54 9.42 -23.28
C VAL C 156 -32.97 8.94 -23.06
N PRO C 157 -33.25 7.65 -23.22
CA PRO C 157 -34.63 7.18 -23.03
C PRO C 157 -35.02 7.21 -21.56
N THR C 158 -36.23 7.70 -21.29
CA THR C 158 -36.78 7.78 -19.94
C THR C 158 -37.91 6.79 -19.71
N GLY C 159 -38.15 5.87 -20.64
CA GLY C 159 -39.29 4.99 -20.54
C GLY C 159 -38.96 3.51 -20.49
N GLY C 160 -40.01 2.67 -20.52
CA GLY C 160 -39.86 1.24 -20.69
C GLY C 160 -39.63 0.79 -22.11
N CYS C 161 -39.73 1.71 -23.07
CA CYS C 161 -39.77 1.39 -24.48
C CYS C 161 -38.90 2.40 -25.23
N ASP C 162 -38.34 1.97 -26.36
CA ASP C 162 -37.46 2.81 -27.17
C ASP C 162 -37.83 2.64 -28.64
N VAL C 163 -37.37 3.58 -29.45
CA VAL C 163 -37.78 3.68 -30.84
C VAL C 163 -36.58 3.56 -31.77
N SER C 164 -36.84 3.13 -33.00
CA SER C 164 -35.80 2.98 -34.01
C SER C 164 -35.14 4.31 -34.34
N ALA C 165 -35.87 5.41 -34.19
CA ALA C 165 -35.32 6.74 -34.46
C ALA C 165 -36.21 7.78 -33.80
N ARG C 166 -35.59 8.86 -33.35
CA ARG C 166 -36.30 9.95 -32.69
C ARG C 166 -36.65 11.07 -33.65
N ASP C 167 -35.94 11.16 -34.78
CA ASP C 167 -36.17 12.19 -35.78
C ASP C 167 -36.16 11.46 -37.12
N VAL C 168 -37.33 11.31 -37.73
CA VAL C 168 -37.48 10.60 -38.99
C VAL C 168 -37.83 11.62 -40.06
N THR C 169 -37.18 11.47 -41.22
CA THR C 169 -37.46 12.31 -42.38
C THR C 169 -37.79 11.41 -43.55
N VAL C 170 -38.92 11.67 -44.20
CA VAL C 170 -39.32 10.94 -45.40
C VAL C 170 -39.63 11.96 -46.49
N THR C 171 -39.45 11.51 -47.73
CA THR C 171 -39.72 12.31 -48.92
C THR C 171 -40.80 11.60 -49.72
N LEU C 172 -41.93 12.27 -49.92
CA LEU C 172 -42.97 11.72 -50.75
C LEU C 172 -42.54 11.75 -52.22
N PRO C 173 -43.07 10.84 -53.04
CA PRO C 173 -43.04 11.09 -54.48
C PRO C 173 -43.71 12.41 -54.77
N ASP C 174 -43.47 12.94 -55.96
CA ASP C 174 -44.19 14.15 -56.33
C ASP C 174 -45.69 13.88 -56.35
N TYR C 175 -46.45 14.91 -56.01
CA TYR C 175 -47.89 14.78 -55.88
C TYR C 175 -48.50 14.17 -57.13
N PRO C 176 -49.42 13.18 -57.02
CA PRO C 176 -49.90 12.55 -55.78
C PRO C 176 -49.08 11.30 -55.50
N GLY C 177 -49.16 10.77 -54.29
CA GLY C 177 -48.28 9.68 -53.92
C GLY C 177 -48.24 9.48 -52.42
N SER C 178 -47.60 8.38 -52.04
CA SER C 178 -47.43 8.02 -50.64
C SER C 178 -46.03 7.46 -50.47
N VAL C 179 -45.60 7.35 -49.21
CA VAL C 179 -44.29 6.78 -48.90
C VAL C 179 -44.37 6.17 -47.51
N PRO C 180 -43.86 4.96 -47.30
CA PRO C 180 -43.87 4.38 -45.95
C PRO C 180 -42.97 5.17 -45.02
N ILE C 181 -43.34 5.20 -43.75
CA ILE C 181 -42.54 5.84 -42.72
C ILE C 181 -41.87 4.74 -41.90
N PRO C 182 -40.55 4.57 -42.00
CA PRO C 182 -39.88 3.58 -41.14
C PRO C 182 -39.83 4.02 -39.68
N LEU C 183 -40.59 3.33 -38.83
CA LEU C 183 -40.56 3.63 -37.39
C LEU C 183 -41.08 2.42 -36.65
N THR C 184 -40.25 1.88 -35.76
CA THR C 184 -40.58 0.74 -34.93
C THR C 184 -40.37 1.10 -33.47
N VAL C 185 -40.98 0.31 -32.60
CA VAL C 185 -40.85 0.49 -31.16
C VAL C 185 -40.71 -0.90 -30.52
N TYR C 186 -39.98 -0.96 -29.41
CA TYR C 186 -39.87 -2.18 -28.62
C TYR C 186 -39.77 -1.77 -27.15
N CYS C 187 -40.04 -2.73 -26.27
CA CYS C 187 -39.97 -2.49 -24.84
C CYS C 187 -39.09 -3.52 -24.15
N ALA C 188 -38.48 -3.09 -23.03
CA ALA C 188 -37.59 -3.97 -22.29
C ALA C 188 -38.33 -5.21 -21.82
N LYS C 189 -39.56 -5.04 -21.37
CA LYS C 189 -40.46 -6.13 -21.03
C LYS C 189 -41.81 -5.80 -21.68
N SER C 190 -42.65 -6.83 -21.82
CA SER C 190 -43.91 -6.64 -22.52
C SER C 190 -44.73 -5.51 -21.89
N GLN C 191 -45.24 -4.62 -22.73
CA GLN C 191 -46.05 -3.50 -22.31
C GLN C 191 -47.23 -3.36 -23.26
N ASN C 192 -48.39 -3.00 -22.72
CA ASN C 192 -49.54 -2.63 -23.54
C ASN C 192 -49.35 -1.19 -23.98
N LEU C 193 -49.11 -0.98 -25.27
CA LEU C 193 -48.60 0.27 -25.78
C LEU C 193 -49.55 0.88 -26.79
N GLY C 194 -49.66 2.22 -26.75
CA GLY C 194 -50.36 2.97 -27.76
C GLY C 194 -49.60 4.24 -28.07
N TYR C 195 -50.09 4.98 -29.07
CA TYR C 195 -49.50 6.26 -29.42
C TYR C 195 -50.56 7.19 -29.97
N TYR C 196 -50.23 8.49 -29.98
CA TYR C 196 -51.06 9.50 -30.63
C TYR C 196 -50.17 10.48 -31.37
N LEU C 197 -50.74 11.09 -32.41
CA LEU C 197 -50.04 12.05 -33.24
C LEU C 197 -50.35 13.47 -32.80
N SER C 198 -49.39 14.37 -33.03
CA SER C 198 -49.51 15.78 -32.69
C SER C 198 -49.08 16.62 -33.88
N GLY C 199 -49.65 17.80 -33.99
CA GLY C 199 -49.28 18.71 -35.06
C GLY C 199 -50.40 19.67 -35.38
N THR C 200 -50.11 20.54 -36.34
CA THR C 200 -51.09 21.53 -36.79
C THR C 200 -51.83 20.93 -37.97
N THR C 201 -53.15 20.92 -37.88
CA THR C 201 -53.98 20.29 -38.89
C THR C 201 -54.83 21.35 -39.57
N ALA C 202 -55.20 21.06 -40.81
CA ALA C 202 -55.86 22.05 -41.65
C ALA C 202 -57.37 21.93 -41.61
N ASP C 203 -57.88 20.80 -41.14
CA ASP C 203 -59.29 20.47 -41.24
C ASP C 203 -59.87 20.39 -39.83
N ALA C 204 -61.17 20.65 -39.73
CA ALA C 204 -61.81 20.61 -38.42
C ALA C 204 -61.89 19.20 -37.88
N GLY C 205 -61.78 18.19 -38.74
CA GLY C 205 -61.65 16.80 -38.32
C GLY C 205 -60.27 16.39 -37.84
N ASN C 206 -59.31 17.31 -37.83
CA ASN C 206 -58.02 17.09 -37.17
C ASN C 206 -57.23 15.92 -37.76
N SER C 207 -57.24 15.75 -39.08
CA SER C 207 -56.60 14.59 -39.70
C SER C 207 -55.73 14.89 -40.92
N ILE C 208 -55.64 16.13 -41.37
CA ILE C 208 -54.73 16.52 -42.45
C ILE C 208 -53.77 17.56 -41.90
N PHE C 209 -52.49 17.23 -41.86
CA PHE C 209 -51.51 18.14 -41.30
C PHE C 209 -51.18 19.25 -42.29
N THR C 210 -51.16 20.47 -41.78
CA THR C 210 -50.99 21.65 -42.60
C THR C 210 -49.64 21.65 -43.31
N ASN C 211 -49.62 22.24 -44.50
CA ASN C 211 -48.37 22.46 -45.24
C ASN C 211 -47.67 23.67 -44.65
N THR C 212 -46.59 23.44 -43.90
CA THR C 212 -45.85 24.52 -43.27
C THR C 212 -44.54 24.87 -43.98
N ALA C 213 -44.38 24.43 -45.24
CA ALA C 213 -43.17 24.80 -45.97
C ALA C 213 -43.07 26.31 -46.08
N SER C 214 -41.86 26.84 -45.92
CA SER C 214 -41.67 28.29 -45.87
C SER C 214 -41.27 28.90 -47.21
N PHE C 215 -40.66 28.14 -48.12
CA PHE C 215 -40.24 28.66 -49.42
C PHE C 215 -41.15 28.03 -50.47
N SER C 216 -41.86 28.87 -51.22
CA SER C 216 -42.70 28.44 -52.33
C SER C 216 -43.66 27.30 -51.99
N PRO C 217 -44.52 27.47 -50.98
CA PRO C 217 -45.43 26.38 -50.61
C PRO C 217 -46.49 26.13 -51.67
N ALA C 218 -46.74 24.85 -51.94
CA ALA C 218 -47.94 24.48 -52.66
C ALA C 218 -49.17 24.95 -51.89
N GLN C 219 -50.28 25.12 -52.59
CA GLN C 219 -51.56 25.33 -51.95
C GLN C 219 -52.49 24.16 -52.20
N GLY C 220 -53.45 24.00 -51.32
CA GLY C 220 -54.50 23.01 -51.47
C GLY C 220 -54.14 21.60 -51.05
N VAL C 221 -52.97 21.38 -50.43
CA VAL C 221 -52.58 20.06 -50.01
C VAL C 221 -51.95 20.09 -48.62
N GLY C 222 -52.16 19.00 -47.90
CA GLY C 222 -51.52 18.76 -46.62
C GLY C 222 -51.02 17.33 -46.59
N VAL C 223 -50.64 16.86 -45.42
CA VAL C 223 -50.08 15.52 -45.25
C VAL C 223 -51.00 14.74 -44.34
N GLN C 224 -51.31 13.50 -44.74
CA GLN C 224 -52.21 12.63 -43.98
C GLN C 224 -51.50 11.30 -43.77
N LEU C 225 -51.51 10.82 -42.53
CA LEU C 225 -50.89 9.54 -42.20
C LEU C 225 -51.96 8.45 -42.16
N THR C 226 -51.61 7.29 -42.69
CA THR C 226 -52.47 6.12 -42.66
C THR C 226 -51.71 4.94 -42.09
N ARG C 227 -52.46 4.00 -41.53
CA ARG C 227 -51.94 2.71 -41.08
C ARG C 227 -52.72 1.63 -41.80
N ASN C 228 -52.06 0.94 -42.74
CA ASN C 228 -52.70 -0.03 -43.62
C ASN C 228 -54.03 0.52 -44.16
N GLY C 229 -53.98 1.75 -44.67
CA GLY C 229 -55.11 2.37 -45.29
C GLY C 229 -55.98 3.21 -44.36
N THR C 230 -55.94 2.95 -43.05
CA THR C 230 -56.78 3.68 -42.11
C THR C 230 -56.17 5.03 -41.75
N ILE C 231 -56.97 6.08 -41.88
CA ILE C 231 -56.53 7.43 -41.54
C ILE C 231 -56.31 7.54 -40.04
N ILE C 232 -55.21 8.15 -39.64
CA ILE C 232 -54.91 8.40 -38.23
C ILE C 232 -55.10 9.89 -37.98
N PRO C 233 -56.15 10.31 -37.26
CA PRO C 233 -56.23 11.72 -36.85
C PRO C 233 -55.23 12.02 -35.74
N ALA C 234 -55.03 13.31 -35.53
CA ALA C 234 -54.26 13.78 -34.39
C ALA C 234 -55.04 13.56 -33.10
N ASN C 235 -54.29 13.47 -32.00
CA ASN C 235 -54.87 13.44 -30.66
C ASN C 235 -55.91 12.32 -30.50
N ASN C 236 -55.63 11.16 -31.07
CA ASN C 236 -56.49 10.00 -30.92
C ASN C 236 -55.61 8.77 -30.79
N THR C 237 -55.68 8.12 -29.63
CA THR C 237 -54.72 7.08 -29.29
C THR C 237 -54.93 5.82 -30.13
N VAL C 238 -53.87 5.38 -30.78
CA VAL C 238 -53.83 4.14 -31.55
C VAL C 238 -53.21 3.06 -30.70
N SER C 239 -53.83 1.87 -30.68
CA SER C 239 -53.30 0.77 -29.89
C SER C 239 -52.35 -0.09 -30.71
N LEU C 240 -51.22 -0.44 -30.09
CA LEU C 240 -50.28 -1.39 -30.67
C LEU C 240 -50.34 -2.76 -30.01
N GLY C 241 -51.29 -2.98 -29.10
CA GLY C 241 -51.34 -4.23 -28.36
C GLY C 241 -50.17 -4.37 -27.40
N ALA C 242 -49.74 -5.61 -27.20
CA ALA C 242 -48.62 -5.92 -26.33
C ALA C 242 -47.33 -5.85 -27.12
N VAL C 243 -46.42 -4.97 -26.71
CA VAL C 243 -45.14 -4.79 -27.38
C VAL C 243 -44.04 -5.27 -26.45
N GLY C 244 -43.18 -6.16 -26.94
CA GLY C 244 -42.11 -6.72 -26.16
C GLY C 244 -40.75 -6.42 -26.74
N THR C 245 -39.78 -7.32 -26.54
CA THR C 245 -38.41 -7.04 -26.94
C THR C 245 -38.22 -7.06 -28.46
N SER C 246 -39.12 -7.70 -29.21
CA SER C 246 -39.04 -7.65 -30.66
C SER C 246 -39.69 -6.36 -31.15
N ALA C 247 -39.02 -5.67 -32.07
CA ALA C 247 -39.51 -4.39 -32.55
C ALA C 247 -40.82 -4.56 -33.28
N VAL C 248 -41.72 -3.59 -33.09
CA VAL C 248 -43.03 -3.58 -33.72
C VAL C 248 -43.14 -2.32 -34.55
N SER C 249 -43.42 -2.47 -35.84
CA SER C 249 -43.63 -1.32 -36.69
C SER C 249 -44.96 -0.65 -36.37
N LEU C 250 -44.96 0.68 -36.38
CA LEU C 250 -46.23 1.40 -36.30
C LEU C 250 -47.01 1.29 -37.60
N GLY C 251 -46.39 0.81 -38.67
CA GLY C 251 -47.09 0.63 -39.93
C GLY C 251 -47.60 1.91 -40.54
N LEU C 252 -46.88 3.02 -40.39
CA LEU C 252 -47.34 4.32 -40.84
C LEU C 252 -46.92 4.60 -42.27
N THR C 253 -47.79 5.29 -43.00
CA THR C 253 -47.54 5.73 -44.36
C THR C 253 -47.97 7.18 -44.47
N ALA C 254 -47.20 7.98 -45.19
CA ALA C 254 -47.52 9.38 -45.41
C ALA C 254 -48.17 9.54 -46.79
N ASN C 255 -49.14 10.44 -46.86
CA ASN C 255 -49.87 10.70 -48.09
C ASN C 255 -50.06 12.20 -48.25
N TYR C 256 -50.16 12.65 -49.49
CA TYR C 256 -50.75 13.96 -49.73
C TYR C 256 -52.25 13.83 -49.55
N ALA C 257 -52.89 14.89 -49.06
CA ALA C 257 -54.33 14.93 -48.97
C ALA C 257 -54.79 16.34 -49.29
N ARG C 258 -55.79 16.45 -50.15
CA ARG C 258 -56.27 17.76 -50.55
C ARG C 258 -57.11 18.38 -49.44
N THR C 259 -56.92 19.68 -49.24
CA THR C 259 -57.53 20.41 -48.14
C THR C 259 -58.67 21.32 -48.57
N GLY C 260 -58.94 21.43 -49.87
CA GLY C 260 -60.02 22.28 -50.34
C GLY C 260 -59.43 23.32 -51.29
N GLY C 261 -60.04 23.43 -52.46
CA GLY C 261 -59.66 24.44 -53.40
C GLY C 261 -58.56 24.02 -54.34
N GLN C 262 -58.16 25.00 -55.15
CA GLN C 262 -57.12 24.85 -56.15
C GLN C 262 -55.83 24.27 -55.55
N VAL C 263 -55.29 23.24 -56.19
CA VAL C 263 -53.98 22.70 -55.88
C VAL C 263 -52.95 23.39 -56.78
N THR C 264 -51.96 24.04 -56.17
CA THR C 264 -50.96 24.78 -56.92
C THR C 264 -49.57 24.18 -56.68
N ALA C 265 -48.71 24.34 -57.68
CA ALA C 265 -47.35 23.82 -57.61
C ALA C 265 -46.57 24.45 -56.46
N GLY C 266 -45.61 23.73 -55.94
CA GLY C 266 -44.80 24.22 -54.84
C GLY C 266 -44.36 23.10 -53.91
N ASN C 267 -43.66 23.52 -52.85
CA ASN C 267 -43.11 22.60 -51.87
C ASN C 267 -44.16 22.27 -50.80
N VAL C 268 -44.04 21.06 -50.25
CA VAL C 268 -44.89 20.59 -49.16
C VAL C 268 -43.99 20.12 -48.01
N GLN C 269 -44.34 20.53 -46.79
CA GLN C 269 -43.68 20.02 -45.59
C GLN C 269 -44.69 19.96 -44.45
N SER C 270 -44.65 18.87 -43.68
CA SER C 270 -45.36 18.82 -42.42
C SER C 270 -44.48 18.18 -41.35
N ILE C 271 -44.55 18.71 -40.13
CA ILE C 271 -43.84 18.17 -38.97
C ILE C 271 -44.89 17.55 -38.05
N ILE C 272 -44.73 16.27 -37.74
CA ILE C 272 -45.73 15.51 -37.02
C ILE C 272 -45.08 14.84 -35.82
N GLY C 273 -45.70 14.98 -34.65
CA GLY C 273 -45.22 14.33 -33.45
C GLY C 273 -45.87 12.98 -33.21
N VAL C 274 -45.10 12.06 -32.63
CA VAL C 274 -45.60 10.77 -32.17
C VAL C 274 -45.25 10.63 -30.71
N THR C 275 -46.25 10.30 -29.88
CA THR C 275 -46.07 10.16 -28.44
C THR C 275 -46.73 8.88 -27.97
N PHE C 276 -46.01 8.09 -27.18
CA PHE C 276 -46.48 6.79 -26.73
C PHE C 276 -47.10 6.87 -25.34
N VAL C 277 -48.01 5.94 -25.07
CA VAL C 277 -48.70 5.84 -23.79
C VAL C 277 -48.87 4.37 -23.43
N TYR C 278 -48.87 4.09 -22.14
CA TYR C 278 -49.22 2.75 -21.65
C TYR C 278 -50.73 2.61 -21.58
N GLN C 279 -51.24 1.47 -22.00
CA GLN C 279 -52.68 1.20 -21.92
C GLN C 279 -53.03 0.11 -20.90
N ALA D 1 -43.05 15.70 -28.12
CA ALA D 1 -43.34 14.38 -28.67
C ALA D 1 -42.13 13.46 -28.54
N ASP D 2 -42.39 12.16 -28.53
CA ASP D 2 -41.31 11.18 -28.41
C ASP D 2 -40.53 11.07 -29.71
N VAL D 3 -41.22 11.19 -30.85
CA VAL D 3 -40.61 11.10 -32.17
C VAL D 3 -41.16 12.26 -32.99
N THR D 4 -40.31 12.83 -33.85
CA THR D 4 -40.73 13.86 -34.79
C THR D 4 -40.56 13.34 -36.19
N ILE D 5 -41.63 13.39 -36.98
CA ILE D 5 -41.62 12.97 -38.37
C ILE D 5 -41.71 14.21 -39.24
N THR D 6 -40.75 14.37 -40.13
CA THR D 6 -40.75 15.45 -41.11
C THR D 6 -41.08 14.85 -42.47
N VAL D 7 -42.20 15.26 -43.04
CA VAL D 7 -42.64 14.77 -44.34
C VAL D 7 -42.45 15.91 -45.34
N ASN D 8 -41.61 15.65 -46.34
CA ASN D 8 -41.32 16.62 -47.39
C ASN D 8 -41.92 16.10 -48.69
N GLY D 9 -42.53 17.00 -49.45
CA GLY D 9 -43.03 16.62 -50.75
C GLY D 9 -43.08 17.78 -51.71
N LYS D 10 -43.64 17.56 -52.89
CA LYS D 10 -43.61 18.60 -53.91
C LYS D 10 -44.76 18.38 -54.88
N VAL D 11 -45.41 19.47 -55.26
CA VAL D 11 -46.44 19.49 -56.28
C VAL D 11 -45.79 20.12 -57.51
N VAL D 12 -45.72 19.38 -58.61
CA VAL D 12 -45.12 19.86 -59.83
C VAL D 12 -46.22 20.12 -60.85
N ALA D 13 -46.21 21.31 -61.44
CA ALA D 13 -47.19 21.68 -62.45
C ALA D 13 -47.15 20.68 -63.60
#